data_2E3N
#
_entry.id   2E3N
#
_cell.length_a   54.423
_cell.length_b   55.195
_cell.length_c   93.200
_cell.angle_alpha   90.00
_cell.angle_beta   90.00
_cell.angle_gamma   90.00
#
_symmetry.space_group_name_H-M   'P 21 21 21'
#
loop_
_entity.id
_entity.type
_entity.pdbx_description
1 polymer 'Lipid-transfer protein CERT'
2 non-polymer N-((E,2S,3R)-1,3-DIHYDROXYOCTADEC-4-EN-2-YL)HEXANAMIDE
3 water water
#
_entity_poly.entity_id   1
_entity_poly.type   'polypeptide(L)'
_entity_poly.pdbx_seq_one_letter_code
;SNSLHWPTSLPSGDAFSSVGTHRFVQKVEEMVQNHMTYSLQDVGGDANWQLVVEEGEMKVYRREVEENGIVLDPLKATHA
VKGVTGHEVCNYFWNVDVRNDWETTIENFHVVETLADNAIIIYQTHKRVWPASQRDVLYLSVIRKIPALTENDPETWIVC
NFSVDHDSAPLNNRCVRAKINVAMICQTLVSPPEGNQEISRDNILCKITYVANVNPGGWAPASVLRAVAKREYPKFLKRF
TSYVQEKTAGKPILF
;
_entity_poly.pdbx_strand_id   A
#
# COMPACT_ATOMS: atom_id res chain seq x y z
N HIS A 22 19.94 -9.70 -5.58
CA HIS A 22 19.92 -9.87 -4.10
C HIS A 22 19.16 -11.13 -3.70
N ARG A 23 19.32 -11.51 -2.44
CA ARG A 23 18.78 -12.79 -1.95
C ARG A 23 17.25 -12.90 -1.93
N PHE A 24 16.57 -11.76 -2.03
CA PHE A 24 15.11 -11.75 -2.00
C PHE A 24 14.48 -11.61 -3.38
N VAL A 25 15.26 -11.72 -4.45
CA VAL A 25 14.68 -11.55 -5.80
C VAL A 25 13.51 -12.51 -6.08
N GLN A 26 13.65 -13.78 -5.69
CA GLN A 26 12.58 -14.76 -5.89
C GLN A 26 11.33 -14.39 -5.13
N LYS A 27 11.48 -13.92 -3.89
CA LYS A 27 10.34 -13.54 -3.06
C LYS A 27 9.62 -12.32 -3.65
N VAL A 28 10.39 -11.35 -4.13
CA VAL A 28 9.82 -10.22 -4.84
C VAL A 28 8.95 -10.67 -6.01
N GLU A 29 9.48 -11.58 -6.84
CA GLU A 29 8.73 -12.01 -8.01
C GLU A 29 7.48 -12.80 -7.62
N GLU A 30 7.59 -13.62 -6.58
CA GLU A 30 6.40 -14.30 -6.03
C GLU A 30 5.31 -13.31 -5.64
N MET A 31 5.71 -12.24 -4.94
CA MET A 31 4.74 -11.26 -4.43
C MET A 31 4.12 -10.44 -5.55
N VAL A 32 4.96 -10.02 -6.50
CA VAL A 32 4.44 -9.29 -7.65
C VAL A 32 3.43 -10.16 -8.41
N GLN A 33 3.80 -11.42 -8.65
CA GLN A 33 2.91 -12.35 -9.36
C GLN A 33 1.60 -12.57 -8.60
N ASN A 34 1.70 -12.77 -7.29
CA ASN A 34 0.53 -12.97 -6.43
C ASN A 34 -0.45 -11.82 -6.60
N HIS A 35 0.05 -10.59 -6.48
CA HIS A 35 -0.81 -9.42 -6.56
C HIS A 35 -1.39 -9.19 -7.94
N MET A 36 -0.59 -9.40 -8.98
CA MET A 36 -1.10 -9.24 -10.34
C MET A 36 -2.14 -10.30 -10.70
N THR A 37 -2.03 -11.49 -10.10
CA THR A 37 -2.95 -12.60 -10.35
C THR A 37 -4.26 -12.46 -9.56
N TYR A 38 -4.17 -12.02 -8.31
CA TYR A 38 -5.31 -12.06 -7.39
C TYR A 38 -5.88 -10.72 -6.95
N SER A 39 -5.01 -9.72 -6.77
CA SER A 39 -5.44 -8.47 -6.15
C SER A 39 -6.28 -7.58 -7.04
N LEU A 40 -6.24 -7.83 -8.35
CA LEU A 40 -7.07 -7.06 -9.29
C LEU A 40 -8.40 -7.75 -9.63
N GLN A 41 -8.64 -8.92 -9.05
CA GLN A 41 -9.92 -9.61 -9.22
C GLN A 41 -11.02 -8.87 -8.47
N ASP A 42 -12.17 -8.71 -9.13
CA ASP A 42 -13.30 -7.96 -8.58
C ASP A 42 -13.90 -8.70 -7.39
N VAL A 43 -13.99 -8.02 -6.24
CA VAL A 43 -14.62 -8.59 -5.05
C VAL A 43 -16.05 -8.09 -4.84
N GLY A 44 -16.51 -7.23 -5.74
CA GLY A 44 -17.83 -6.60 -5.62
C GLY A 44 -19.00 -7.57 -5.56
N GLY A 45 -18.89 -8.69 -6.26
CA GLY A 45 -19.96 -9.69 -6.27
C GLY A 45 -19.87 -10.74 -5.19
N ASP A 46 -18.87 -10.64 -4.32
CA ASP A 46 -18.61 -11.63 -3.29
C ASP A 46 -19.33 -11.25 -2.00
N ALA A 47 -20.23 -12.13 -1.54
CA ALA A 47 -21.02 -11.90 -0.33
C ALA A 47 -20.15 -11.63 0.91
N ASN A 48 -18.93 -12.14 0.92
CA ASN A 48 -18.04 -12.02 2.08
C ASN A 48 -17.35 -10.68 2.21
N TRP A 49 -17.34 -9.91 1.12
CA TRP A 49 -16.68 -8.61 1.09
C TRP A 49 -17.71 -7.52 1.26
N GLN A 50 -17.44 -6.60 2.19
CA GLN A 50 -18.35 -5.49 2.43
C GLN A 50 -17.72 -4.18 2.04
N LEU A 51 -18.51 -3.30 1.44
CA LEU A 51 -18.10 -1.92 1.19
C LEU A 51 -18.29 -1.12 2.47
N VAL A 52 -17.21 -0.78 3.16
CA VAL A 52 -17.32 -0.15 4.47
C VAL A 52 -17.25 1.38 4.45
N VAL A 53 -16.53 1.93 3.47
CA VAL A 53 -16.41 3.38 3.31
C VAL A 53 -16.42 3.70 1.83
N GLU A 54 -17.20 4.70 1.44
CA GLU A 54 -17.12 5.26 0.09
C GLU A 54 -17.18 6.78 0.18
N GLU A 55 -16.27 7.44 -0.54
CA GLU A 55 -16.25 8.91 -0.62
C GLU A 55 -15.59 9.33 -1.92
N GLY A 56 -16.35 10.03 -2.77
CA GLY A 56 -15.89 10.35 -4.11
C GLY A 56 -15.57 9.09 -4.88
N GLU A 57 -14.39 9.04 -5.49
CA GLU A 57 -13.95 7.87 -6.24
C GLU A 57 -13.31 6.79 -5.37
N MET A 58 -13.24 7.03 -4.06
CA MET A 58 -12.62 6.08 -3.16
C MET A 58 -13.64 5.09 -2.58
N LYS A 59 -13.33 3.80 -2.71
CA LYS A 59 -14.16 2.73 -2.15
C LYS A 59 -13.28 1.80 -1.33
N VAL A 60 -13.65 1.57 -0.07
CA VAL A 60 -12.87 0.71 0.82
C VAL A 60 -13.70 -0.51 1.22
N TYR A 61 -13.16 -1.69 0.95
CA TYR A 61 -13.85 -2.96 1.24
C TYR A 61 -13.09 -3.74 2.29
N ARG A 62 -13.81 -4.57 3.02
CA ARG A 62 -13.22 -5.44 4.03
C ARG A 62 -13.94 -6.78 4.05
N ARG A 63 -13.18 -7.85 4.29
CA ARG A 63 -13.73 -9.16 4.57
C ARG A 63 -13.36 -9.50 6.00
N GLU A 64 -14.34 -9.74 6.87
CA GLU A 64 -14.04 -10.00 8.27
C GLU A 64 -13.58 -11.45 8.45
N VAL A 65 -12.38 -11.60 9.03
CA VAL A 65 -11.76 -12.90 9.26
C VAL A 65 -11.09 -12.87 10.62
N GLU A 66 -11.47 -13.79 11.51
CA GLU A 66 -10.82 -13.96 12.81
C GLU A 66 -10.54 -15.44 13.01
N GLU A 67 -9.28 -15.76 13.32
CA GLU A 67 -8.85 -17.15 13.53
C GLU A 67 -8.06 -17.27 14.82
N ASN A 68 -8.51 -18.17 15.70
CA ASN A 68 -7.93 -18.34 17.03
C ASN A 68 -7.58 -17.02 17.74
N GLY A 69 -8.56 -16.11 17.78
CA GLY A 69 -8.37 -14.83 18.45
C GLY A 69 -7.41 -13.87 17.77
N ILE A 70 -7.16 -14.08 16.48
CA ILE A 70 -6.36 -13.13 15.69
C ILE A 70 -7.24 -12.57 14.58
N VAL A 71 -7.37 -11.24 14.53
CA VAL A 71 -8.18 -10.57 13.52
C VAL A 71 -7.31 -10.31 12.29
N LEU A 72 -7.69 -10.92 11.16
CA LEU A 72 -6.90 -10.87 9.93
C LEU A 72 -7.50 -10.00 8.84
N ASP A 73 -8.77 -9.61 9.02
CA ASP A 73 -9.56 -8.85 8.03
C ASP A 73 -8.84 -8.33 6.78
N PRO A 74 -8.86 -9.11 5.68
CA PRO A 74 -8.35 -8.54 4.43
C PRO A 74 -9.04 -7.23 4.08
N LEU A 75 -8.25 -6.28 3.58
CA LEU A 75 -8.76 -4.98 3.17
C LEU A 75 -8.38 -4.71 1.72
N LYS A 76 -9.33 -4.17 0.96
CA LYS A 76 -9.05 -3.80 -0.41
C LYS A 76 -9.71 -2.46 -0.67
N ALA A 77 -8.99 -1.54 -1.32
CA ALA A 77 -9.56 -0.26 -1.66
C ALA A 77 -9.28 0.06 -3.12
N THR A 78 -10.20 0.78 -3.75
CA THR A 78 -9.97 1.30 -5.09
C THR A 78 -10.11 2.81 -5.06
N HIS A 79 -9.39 3.48 -5.95
CA HIS A 79 -9.47 4.92 -6.07
C HIS A 79 -9.20 5.32 -7.51
N ALA A 80 -9.59 6.53 -7.87
CA ALA A 80 -9.28 7.09 -9.18
C ALA A 80 -8.85 8.52 -8.92
N VAL A 81 -7.58 8.81 -9.21
CA VAL A 81 -6.99 10.08 -8.83
C VAL A 81 -6.61 10.88 -10.07
N LYS A 82 -7.19 12.07 -10.20
CA LYS A 82 -6.93 12.93 -11.37
C LYS A 82 -5.55 13.57 -11.30
N GLY A 83 -4.90 13.67 -12.45
CA GLY A 83 -3.73 14.52 -12.59
C GLY A 83 -2.39 13.95 -12.16
N VAL A 84 -2.37 12.65 -11.89
CA VAL A 84 -1.13 11.97 -11.51
C VAL A 84 -0.99 10.66 -12.28
N THR A 85 0.25 10.22 -12.50
CA THR A 85 0.48 8.93 -13.14
C THR A 85 0.75 7.85 -12.11
N GLY A 86 0.61 6.59 -12.52
CA GLY A 86 0.93 5.46 -11.66
C GLY A 86 2.39 5.44 -11.26
N HIS A 87 3.28 5.82 -12.17
CA HIS A 87 4.68 5.90 -11.85
C HIS A 87 4.90 6.90 -10.71
N GLU A 88 4.26 8.06 -10.80
CA GLU A 88 4.34 9.07 -9.75
C GLU A 88 3.79 8.57 -8.42
N VAL A 89 2.59 7.99 -8.45
CA VAL A 89 1.96 7.51 -7.22
C VAL A 89 2.85 6.47 -6.54
N CYS A 90 3.36 5.53 -7.33
CA CYS A 90 4.23 4.50 -6.76
C CYS A 90 5.54 5.06 -6.23
N ASN A 91 6.14 6.00 -6.96
CA ASN A 91 7.35 6.65 -6.47
C ASN A 91 7.11 7.29 -5.09
N TYR A 92 6.01 8.03 -4.95
CA TYR A 92 5.72 8.69 -3.67
C TYR A 92 5.40 7.72 -2.54
N PHE A 93 4.75 6.62 -2.88
CA PHE A 93 4.41 5.60 -1.87
C PHE A 93 5.68 4.90 -1.38
N TRP A 94 6.61 4.69 -2.31
CA TRP A 94 7.81 3.93 -2.02
C TRP A 94 8.96 4.76 -1.43
N ASN A 95 9.06 6.03 -1.83
CA ASN A 95 10.22 6.86 -1.49
C ASN A 95 10.23 7.24 -0.03
N VAL A 96 11.21 6.70 0.72
CA VAL A 96 11.24 6.95 2.17
C VAL A 96 11.49 8.42 2.53
N ASP A 97 12.07 9.18 1.60
CA ASP A 97 12.39 10.59 1.87
C ASP A 97 11.15 11.46 2.05
N VAL A 98 10.00 11.01 1.56
CA VAL A 98 8.75 11.75 1.74
C VAL A 98 7.75 11.05 2.66
N ARG A 99 8.17 9.92 3.23
CA ARG A 99 7.27 9.12 4.05
C ARG A 99 6.58 9.91 5.17
N ASN A 100 7.37 10.67 5.94
CA ASN A 100 6.81 11.40 7.07
C ASN A 100 5.88 12.55 6.69
N ASP A 101 5.90 12.95 5.42
CA ASP A 101 5.01 13.99 4.95
C ASP A 101 3.56 13.51 4.83
N TRP A 102 3.36 12.21 4.66
CA TRP A 102 2.00 11.68 4.50
C TRP A 102 1.58 10.61 5.50
N GLU A 103 2.51 9.77 5.95
CA GLU A 103 2.18 8.65 6.85
C GLU A 103 1.92 9.20 8.24
N THR A 104 0.80 8.79 8.84
CA THR A 104 0.42 9.29 10.17
C THR A 104 0.29 8.18 11.22
N THR A 105 0.51 6.93 10.85
CA THR A 105 0.31 5.81 11.79
C THR A 105 1.58 5.26 12.41
N ILE A 106 2.74 5.82 12.05
CA ILE A 106 4.00 5.33 12.60
C ILE A 106 4.58 6.23 13.67
N GLU A 107 5.28 5.64 14.63
CA GLU A 107 6.05 6.40 15.59
C GLU A 107 7.42 6.71 15.03
N ASN A 108 8.05 5.70 14.43
CA ASN A 108 9.37 5.82 13.82
C ASN A 108 9.59 4.77 12.75
N PHE A 109 10.46 5.05 11.80
CA PHE A 109 10.89 4.04 10.85
C PHE A 109 12.32 4.28 10.43
N HIS A 110 12.98 3.23 9.94
CA HIS A 110 14.27 3.41 9.26
C HIS A 110 14.53 2.28 8.29
N VAL A 111 15.44 2.54 7.36
CA VAL A 111 15.88 1.54 6.43
C VAL A 111 16.94 0.66 7.09
N VAL A 112 16.65 -0.63 7.17
CA VAL A 112 17.56 -1.61 7.73
C VAL A 112 18.62 -2.00 6.69
N GLU A 113 18.21 -2.13 5.43
CA GLU A 113 19.09 -2.60 4.37
C GLU A 113 18.58 -2.13 3.02
N THR A 114 19.50 -1.70 2.15
CA THR A 114 19.19 -1.47 0.75
C THR A 114 19.59 -2.70 -0.05
N LEU A 115 18.62 -3.30 -0.73
CA LEU A 115 18.85 -4.54 -1.49
C LEU A 115 19.23 -4.24 -2.93
N ALA A 116 18.61 -3.21 -3.49
CA ALA A 116 18.74 -2.81 -4.89
C ALA A 116 18.21 -1.40 -5.03
N ASP A 117 18.35 -0.79 -6.22
CA ASP A 117 17.85 0.57 -6.42
C ASP A 117 16.33 0.67 -6.25
N ASN A 118 15.63 -0.47 -6.31
CA ASN A 118 14.18 -0.50 -6.20
C ASN A 118 13.65 -1.30 -5.00
N ALA A 119 14.54 -1.70 -4.08
CA ALA A 119 14.15 -2.61 -3.01
C ALA A 119 14.93 -2.37 -1.73
N ILE A 120 14.19 -2.16 -0.65
CA ILE A 120 14.75 -1.88 0.66
C ILE A 120 14.04 -2.70 1.73
N ILE A 121 14.67 -2.85 2.88
CA ILE A 121 14.03 -3.48 4.03
C ILE A 121 13.87 -2.40 5.10
N ILE A 122 12.64 -2.22 5.60
CA ILE A 122 12.28 -1.17 6.55
C ILE A 122 11.82 -1.77 7.87
N TYR A 123 12.30 -1.21 8.97
CA TYR A 123 11.75 -1.46 10.28
C TYR A 123 10.91 -0.26 10.71
N GLN A 124 9.71 -0.51 11.24
CA GLN A 124 8.93 0.59 11.81
C GLN A 124 8.09 0.17 12.99
N THR A 125 7.81 1.16 13.85
CA THR A 125 6.86 0.96 14.94
C THR A 125 5.62 1.76 14.63
N HIS A 126 4.47 1.20 14.96
CA HIS A 126 3.22 1.91 14.79
C HIS A 126 2.76 2.56 16.08
N LYS A 127 2.04 3.66 15.95
CA LYS A 127 1.50 4.35 17.12
C LYS A 127 0.64 3.35 17.89
N ARG A 128 0.80 3.34 19.21
CA ARG A 128 0.03 2.45 20.05
C ARG A 128 -1.44 2.88 20.03
N VAL A 129 -2.33 1.89 19.95
CA VAL A 129 -3.75 2.15 20.09
C VAL A 129 -4.23 1.44 21.34
N TRP A 130 -4.60 2.23 22.33
CA TRP A 130 -5.07 1.71 23.61
C TRP A 130 -6.31 0.85 23.36
N PRO A 131 -6.42 -0.30 24.07
CA PRO A 131 -5.57 -0.87 25.11
C PRO A 131 -4.51 -1.86 24.62
N ALA A 132 -4.35 -1.98 23.31
CA ALA A 132 -3.44 -2.98 22.73
C ALA A 132 -1.97 -2.61 22.89
N SER A 133 -1.12 -3.63 22.97
CA SER A 133 0.31 -3.42 22.95
C SER A 133 0.75 -2.84 21.61
N GLN A 134 1.84 -2.10 21.63
CA GLN A 134 2.39 -1.50 20.43
C GLN A 134 2.87 -2.59 19.47
N ARG A 135 2.63 -2.39 18.18
CA ARG A 135 3.15 -3.28 17.15
C ARG A 135 4.37 -2.70 16.43
N ASP A 136 5.29 -3.57 16.07
CA ASP A 136 6.32 -3.22 15.10
C ASP A 136 6.25 -4.12 13.88
N VAL A 137 6.94 -3.75 12.82
CA VAL A 137 6.86 -4.48 11.56
C VAL A 137 8.20 -4.36 10.84
N LEU A 138 8.55 -5.39 10.09
CA LEU A 138 9.81 -5.45 9.38
C LEU A 138 9.51 -6.00 8.01
N TYR A 139 9.65 -5.16 6.97
CA TYR A 139 9.17 -5.54 5.63
C TYR A 139 10.11 -5.12 4.53
N LEU A 140 10.07 -5.90 3.45
CA LEU A 140 10.70 -5.54 2.20
C LEU A 140 9.72 -4.66 1.41
N SER A 141 10.19 -3.52 0.92
CA SER A 141 9.40 -2.62 0.09
C SER A 141 10.06 -2.52 -1.27
N VAL A 142 9.32 -2.91 -2.30
CA VAL A 142 9.85 -2.97 -3.65
C VAL A 142 8.91 -2.28 -4.63
N ILE A 143 9.50 -1.51 -5.56
CA ILE A 143 8.74 -0.84 -6.61
C ILE A 143 9.10 -1.46 -7.97
N ARG A 144 8.07 -1.80 -8.74
CA ARG A 144 8.27 -2.49 -10.01
C ARG A 144 7.35 -1.97 -11.10
N LYS A 145 7.87 -1.90 -12.32
CA LYS A 145 7.08 -1.61 -13.50
C LYS A 145 6.74 -2.92 -14.21
N ILE A 146 5.46 -3.12 -14.47
CA ILE A 146 5.00 -4.30 -15.19
C ILE A 146 4.52 -3.83 -16.56
N PRO A 147 5.36 -4.04 -17.60
CA PRO A 147 5.05 -3.51 -18.92
C PRO A 147 3.84 -4.17 -19.53
N ALA A 148 3.18 -3.46 -20.44
CA ALA A 148 2.08 -4.00 -21.20
C ALA A 148 2.60 -4.97 -22.25
N LEU A 149 1.67 -5.68 -22.91
CA LEU A 149 2.01 -6.56 -24.02
C LEU A 149 2.73 -5.79 -25.13
N THR A 150 2.30 -4.55 -25.36
CA THR A 150 2.88 -3.68 -26.40
C THR A 150 3.03 -2.23 -25.91
N GLU A 151 3.87 -1.47 -26.63
CA GLU A 151 4.19 -0.07 -26.30
C GLU A 151 3.02 0.90 -26.35
N ASN A 152 1.94 0.55 -27.04
CA ASN A 152 0.78 1.45 -27.18
C ASN A 152 -0.16 1.40 -25.98
N ASP A 153 0.17 0.55 -25.02
CA ASP A 153 -0.63 0.36 -23.81
C ASP A 153 0.20 0.79 -22.60
N PRO A 154 -0.44 1.46 -21.62
CA PRO A 154 0.28 1.94 -20.43
C PRO A 154 0.79 0.84 -19.49
N GLU A 155 -0.11 -0.04 -19.05
CA GLU A 155 0.13 -0.95 -17.94
C GLU A 155 0.86 -0.43 -16.68
N THR A 156 1.23 -1.36 -15.80
CA THR A 156 1.11 -1.06 -14.37
C THR A 156 2.40 -0.86 -13.56
N TRP A 157 2.27 0.00 -12.55
CA TRP A 157 3.31 0.20 -11.55
C TRP A 157 2.78 -0.38 -10.25
N ILE A 158 3.65 -1.07 -9.52
CA ILE A 158 3.25 -1.68 -8.26
C ILE A 158 4.31 -1.48 -7.21
N VAL A 159 3.86 -1.24 -5.98
CA VAL A 159 4.72 -1.31 -4.81
C VAL A 159 4.22 -2.44 -3.92
N CYS A 160 5.11 -3.36 -3.55
CA CYS A 160 4.78 -4.44 -2.64
C CYS A 160 5.55 -4.26 -1.35
N ASN A 161 4.84 -4.22 -0.23
CA ASN A 161 5.42 -4.20 1.11
C ASN A 161 5.08 -5.50 1.81
N PHE A 162 6.05 -6.37 2.07
CA PHE A 162 5.76 -7.66 2.69
C PHE A 162 6.79 -8.02 3.73
N SER A 163 6.34 -8.59 4.85
CA SER A 163 7.24 -8.92 5.94
C SER A 163 8.32 -9.89 5.51
N VAL A 164 9.54 -9.61 5.97
CA VAL A 164 10.67 -10.52 5.83
C VAL A 164 11.43 -10.59 7.14
N ASP A 165 12.26 -11.62 7.29
CA ASP A 165 13.12 -11.77 8.45
C ASP A 165 14.46 -11.09 8.20
N HIS A 166 15.01 -10.49 9.25
CA HIS A 166 16.34 -9.88 9.18
C HIS A 166 16.98 -9.94 10.55
N ASP A 167 18.21 -10.45 10.59
CA ASP A 167 18.94 -10.64 11.85
C ASP A 167 19.16 -9.37 12.66
N SER A 168 19.20 -8.22 12.01
CA SER A 168 19.40 -6.95 12.69
C SER A 168 18.13 -6.41 13.34
N ALA A 169 17.00 -7.03 13.02
CA ALA A 169 15.72 -6.65 13.63
C ALA A 169 14.98 -7.88 14.15
N PRO A 170 15.52 -8.53 15.20
CA PRO A 170 14.86 -9.68 15.80
C PRO A 170 13.61 -9.24 16.57
N LEU A 171 12.81 -10.20 17.01
CA LEU A 171 11.73 -9.91 17.94
C LEU A 171 12.26 -9.21 19.17
N ASN A 172 11.46 -8.31 19.73
CA ASN A 172 11.78 -7.72 21.02
C ASN A 172 10.61 -7.85 21.98
N ASN A 173 10.86 -7.59 23.25
CA ASN A 173 9.84 -7.77 24.29
C ASN A 173 8.97 -6.55 24.53
N ARG A 174 9.20 -5.49 23.74
CA ARG A 174 8.49 -4.23 23.91
C ARG A 174 7.32 -4.09 22.93
N CYS A 175 7.42 -4.79 21.80
CA CYS A 175 6.44 -4.70 20.73
C CYS A 175 6.00 -6.08 20.28
N VAL A 176 4.75 -6.18 19.87
CA VAL A 176 4.25 -7.36 19.17
C VAL A 176 4.61 -7.22 17.69
N ARG A 177 5.26 -8.23 17.14
CA ARG A 177 5.67 -8.19 15.74
C ARG A 177 4.50 -8.55 14.82
N ALA A 178 3.98 -7.54 14.12
CA ALA A 178 2.95 -7.76 13.11
C ALA A 178 3.60 -8.30 11.85
N LYS A 179 2.79 -8.97 11.02
CA LYS A 179 3.23 -9.41 9.69
C LYS A 179 2.29 -8.84 8.66
N ILE A 180 2.83 -8.30 7.57
CA ILE A 180 2.02 -7.63 6.57
C ILE A 180 2.26 -8.12 5.14
N ASN A 181 1.23 -7.98 4.32
CA ASN A 181 1.34 -8.14 2.89
C ASN A 181 0.47 -7.06 2.28
N VAL A 182 1.12 -6.02 1.76
CA VAL A 182 0.44 -4.82 1.26
C VAL A 182 0.88 -4.57 -0.17
N ALA A 183 -0.03 -4.11 -1.01
CA ALA A 183 0.37 -3.70 -2.36
C ALA A 183 -0.40 -2.49 -2.80
N MET A 184 0.28 -1.60 -3.52
CA MET A 184 -0.38 -0.51 -4.21
C MET A 184 -0.15 -0.70 -5.69
N ILE A 185 -1.24 -0.82 -6.44
CA ILE A 185 -1.18 -1.19 -7.85
C ILE A 185 -1.84 -0.07 -8.65
N CYS A 186 -1.10 0.46 -9.62
CA CYS A 186 -1.52 1.66 -10.31
C CYS A 186 -1.54 1.51 -11.81
N GLN A 187 -2.67 1.86 -12.41
CA GLN A 187 -2.80 1.90 -13.86
C GLN A 187 -3.20 3.31 -14.29
N THR A 188 -2.62 3.77 -15.39
CA THR A 188 -2.71 5.15 -15.80
C THR A 188 -3.51 5.29 -17.09
N LEU A 189 -4.50 6.17 -17.07
CA LEU A 189 -5.34 6.43 -18.23
C LEU A 189 -5.07 7.84 -18.74
N VAL A 190 -4.67 7.92 -20.00
CA VAL A 190 -4.35 9.19 -20.65
C VAL A 190 -5.35 9.39 -21.78
N SER A 191 -6.09 10.49 -21.72
CA SER A 191 -7.02 10.85 -22.78
C SER A 191 -6.61 12.17 -23.41
N GLY A 195 -4.98 16.34 -31.67
CA GLY A 195 -4.07 17.47 -31.87
C GLY A 195 -2.63 17.11 -31.56
N ASN A 196 -1.74 18.10 -31.70
CA ASN A 196 -0.31 17.89 -31.46
C ASN A 196 0.20 18.59 -30.20
N GLN A 197 -0.74 18.95 -29.32
CA GLN A 197 -0.39 19.72 -28.13
C GLN A 197 0.09 18.84 -26.98
N GLU A 198 0.84 19.47 -26.08
CA GLU A 198 1.38 18.84 -24.89
C GLU A 198 0.29 18.18 -24.04
N ILE A 199 0.60 17.02 -23.49
CA ILE A 199 -0.31 16.35 -22.57
C ILE A 199 -0.42 17.16 -21.26
N SER A 200 -1.67 17.40 -20.85
CA SER A 200 -1.98 18.13 -19.63
C SER A 200 -2.34 17.14 -18.52
N ARG A 201 -2.06 17.52 -17.27
CA ARG A 201 -2.48 16.70 -16.12
C ARG A 201 -4.01 16.57 -16.07
N ASP A 202 -4.71 17.54 -16.66
CA ASP A 202 -6.17 17.46 -16.81
C ASP A 202 -6.65 16.20 -17.54
N ASN A 203 -5.79 15.64 -18.38
CA ASN A 203 -6.18 14.47 -19.19
C ASN A 203 -5.59 13.14 -18.72
N ILE A 204 -5.09 13.12 -17.49
CA ILE A 204 -4.56 11.89 -16.89
C ILE A 204 -5.36 11.48 -15.65
N LEU A 205 -5.60 10.17 -15.52
CA LEU A 205 -6.32 9.62 -14.37
C LEU A 205 -5.58 8.36 -13.94
N CYS A 206 -5.28 8.27 -12.65
CA CYS A 206 -4.61 7.10 -12.09
C CYS A 206 -5.62 6.22 -11.35
N LYS A 207 -5.76 4.99 -11.82
CA LYS A 207 -6.62 3.99 -11.18
C LYS A 207 -5.79 3.18 -10.21
N ILE A 208 -6.17 3.26 -8.93
CA ILE A 208 -5.42 2.63 -7.86
C ILE A 208 -6.19 1.47 -7.23
N THR A 209 -5.49 0.36 -7.06
CA THR A 209 -5.97 -0.72 -6.20
C THR A 209 -4.97 -0.85 -5.07
N TYR A 210 -5.47 -0.80 -3.83
CA TYR A 210 -4.64 -0.94 -2.64
C TYR A 210 -5.16 -2.14 -1.84
N VAL A 211 -4.26 -3.07 -1.52
CA VAL A 211 -4.66 -4.20 -0.69
C VAL A 211 -3.76 -4.28 0.53
N ALA A 212 -4.34 -4.65 1.67
CA ALA A 212 -3.60 -4.81 2.90
C ALA A 212 -4.10 -6.05 3.61
N ASN A 213 -3.19 -6.98 3.86
CA ASN A 213 -3.48 -8.14 4.67
C ASN A 213 -2.51 -8.10 5.84
N VAL A 214 -3.05 -7.78 7.01
CA VAL A 214 -2.25 -7.56 8.20
C VAL A 214 -2.57 -8.62 9.25
N ASN A 215 -1.52 -9.30 9.72
CA ASN A 215 -1.65 -10.16 10.88
C ASN A 215 -1.07 -9.38 12.06
N PRO A 216 -1.93 -8.97 13.02
CA PRO A 216 -1.47 -8.14 14.14
C PRO A 216 -0.46 -8.81 15.06
N GLY A 217 -0.20 -10.11 14.85
CA GLY A 217 0.88 -10.80 15.55
C GLY A 217 0.49 -11.28 16.95
N GLY A 218 -0.76 -11.06 17.31
CA GLY A 218 -1.24 -11.44 18.63
C GLY A 218 -2.62 -10.88 18.81
N TRP A 219 -3.19 -11.12 19.99
CA TRP A 219 -4.55 -10.69 20.31
C TRP A 219 -4.68 -9.16 20.27
N ALA A 220 -5.86 -8.72 19.84
CA ALA A 220 -6.29 -7.33 19.96
C ALA A 220 -7.80 -7.34 20.17
N PRO A 221 -8.36 -6.31 20.83
CA PRO A 221 -9.82 -6.27 20.92
C PRO A 221 -10.39 -6.03 19.53
N ALA A 222 -11.16 -7.00 19.04
CA ALA A 222 -11.59 -7.02 17.64
C ALA A 222 -12.33 -5.77 17.21
N SER A 223 -13.27 -5.29 18.02
CA SER A 223 -14.06 -4.14 17.61
C SER A 223 -13.22 -2.86 17.59
N VAL A 224 -12.28 -2.73 18.52
CA VAL A 224 -11.36 -1.59 18.56
C VAL A 224 -10.47 -1.61 17.31
N LEU A 225 -9.88 -2.77 17.01
CA LEU A 225 -9.04 -2.92 15.82
C LEU A 225 -9.82 -2.56 14.56
N ARG A 226 -11.04 -3.08 14.46
CA ARG A 226 -11.86 -2.86 13.28
C ARG A 226 -12.27 -1.39 13.11
N ALA A 227 -12.55 -0.72 14.22
CA ALA A 227 -12.88 0.70 14.19
C ALA A 227 -11.69 1.54 13.75
N VAL A 228 -10.50 1.21 14.26
CA VAL A 228 -9.27 1.89 13.84
C VAL A 228 -9.04 1.70 12.36
N ALA A 229 -9.18 0.47 11.85
CA ALA A 229 -8.96 0.24 10.43
C ALA A 229 -9.96 1.02 9.57
N LYS A 230 -11.22 1.03 9.99
CA LYS A 230 -12.26 1.70 9.22
C LYS A 230 -12.02 3.22 9.17
N ARG A 231 -11.40 3.76 10.21
CA ARG A 231 -11.05 5.19 10.26
C ARG A 231 -9.76 5.46 9.47
N GLU A 232 -8.74 4.64 9.71
CA GLU A 232 -7.40 4.98 9.27
C GLU A 232 -7.07 4.67 7.80
N TYR A 233 -7.63 3.61 7.24
CA TYR A 233 -7.35 3.31 5.85
C TYR A 233 -7.90 4.37 4.91
N PRO A 234 -9.18 4.77 5.06
CA PRO A 234 -9.65 5.88 4.22
C PRO A 234 -8.90 7.20 4.47
N LYS A 235 -8.54 7.48 5.72
CA LYS A 235 -7.77 8.68 6.02
C LYS A 235 -6.46 8.66 5.26
N PHE A 236 -5.79 7.50 5.27
CA PHE A 236 -4.53 7.34 4.55
C PHE A 236 -4.71 7.53 3.05
N LEU A 237 -5.71 6.87 2.47
CA LEU A 237 -5.88 6.93 1.02
C LEU A 237 -6.16 8.36 0.56
N LYS A 238 -7.01 9.07 1.31
CA LYS A 238 -7.31 10.47 1.01
C LYS A 238 -6.07 11.36 1.14
N ARG A 239 -5.39 11.25 2.27
CA ARG A 239 -4.21 12.08 2.53
C ARG A 239 -3.07 11.80 1.54
N PHE A 240 -2.76 10.52 1.37
CA PHE A 240 -1.67 10.14 0.48
C PHE A 240 -1.91 10.55 -0.97
N THR A 241 -3.11 10.28 -1.49
CA THR A 241 -3.38 10.61 -2.89
C THR A 241 -3.41 12.12 -3.12
N SER A 242 -3.97 12.87 -2.17
CA SER A 242 -3.97 14.34 -2.27
C SER A 242 -2.54 14.88 -2.19
N TYR A 243 -1.70 14.25 -1.38
CA TYR A 243 -0.29 14.61 -1.28
C TYR A 243 0.42 14.45 -2.61
N VAL A 244 0.22 13.32 -3.29
CA VAL A 244 0.84 13.14 -4.61
C VAL A 244 0.34 14.19 -5.58
N GLN A 245 -0.95 14.49 -5.55
CA GLN A 245 -1.48 15.57 -6.40
C GLN A 245 -0.79 16.90 -6.14
N GLU A 246 -0.67 17.27 -4.87
CA GLU A 246 -0.05 18.54 -4.48
C GLU A 246 1.39 18.62 -4.92
N LYS A 247 2.13 17.54 -4.72
CA LYS A 247 3.57 17.55 -4.98
C LYS A 247 3.94 17.46 -6.45
N THR A 248 3.05 16.89 -7.27
CA THR A 248 3.33 16.74 -8.69
C THR A 248 2.80 17.92 -9.52
N ALA A 249 1.81 18.64 -8.99
CA ALA A 249 1.20 19.77 -9.69
C ALA A 249 2.26 20.74 -10.20
N GLY A 250 2.22 21.04 -11.49
CA GLY A 250 3.17 21.96 -12.11
C GLY A 250 4.48 21.33 -12.57
N LYS A 251 4.88 20.23 -11.93
CA LYS A 251 6.11 19.53 -12.27
C LYS A 251 5.90 18.79 -13.58
N PRO A 252 6.98 18.59 -14.35
CA PRO A 252 6.87 17.79 -15.56
C PRO A 252 6.27 16.43 -15.23
N ILE A 253 5.46 15.90 -16.14
CA ILE A 253 4.80 14.64 -15.89
C ILE A 253 5.81 13.50 -16.07
N LEU A 254 5.92 12.67 -15.04
CA LEU A 254 6.75 11.48 -15.11
C LEU A 254 5.85 10.28 -15.43
N PHE A 255 5.85 9.88 -16.70
CA PHE A 255 5.05 8.75 -17.13
C PHE A 255 5.68 7.43 -16.72
#